data_4E0F
#
_entry.id   4E0F
#
_cell.length_a   69.98
_cell.length_b   91.82
_cell.length_c   98.77
_cell.angle_alpha   90.00
_cell.angle_beta   90.00
_cell.angle_gamma   90.00
#
_symmetry.space_group_name_H-M   'P 21 21 21'
#
loop_
_entity.id
_entity.type
_entity.pdbx_description
1 polymer 'Riboflavin synthase subunit alpha'
2 non-polymer RIBOFLAVIN
3 water water
#
_entity_poly.entity_id   1
_entity_poly.type   'polypeptide(L)'
_entity_poly.pdbx_seq_one_letter_code
;MFTGIITDIGKVDRVKPLNEGVLLRIETAYDPETIELGASIACSGVCLTVVALPEKGSNARWFEVEAWEEALRLTTISSW
QSGRKINLERSLKLGDEMGGHLVFGHVDGQAEIVERKDEGDAVRFTLRAPEELAPFIAQKGSVALDGTSLTVNGVNANEF
DVLLIRHSLEVTTWGERKAGDKVNIEIDQLARYAARLAQYQKLEHHHHHH
;
_entity_poly.pdbx_strand_id   A,B,C
#
loop_
_chem_comp.id
_chem_comp.type
_chem_comp.name
_chem_comp.formula
RBF non-polymer RIBOFLAVIN 'C17 H20 N4 O6'
#
# COMPACT_ATOMS: atom_id res chain seq x y z
N MET A 1 -2.07 5.30 5.16
CA MET A 1 -0.65 5.71 5.36
C MET A 1 -0.41 7.14 4.89
N PHE A 2 0.68 7.73 5.37
CA PHE A 2 0.99 9.14 5.16
C PHE A 2 2.45 9.29 4.73
N THR A 3 2.78 10.45 4.17
CA THR A 3 4.15 10.75 3.75
C THR A 3 4.89 11.56 4.81
N GLY A 4 4.16 12.09 5.78
CA GLY A 4 4.75 12.88 6.86
C GLY A 4 4.96 14.34 6.50
N ILE A 5 4.21 14.82 5.51
CA ILE A 5 4.24 16.22 5.10
C ILE A 5 2.90 16.87 5.42
N ILE A 6 2.94 17.86 6.31
CA ILE A 6 1.74 18.47 6.87
C ILE A 6 1.11 19.52 5.95
N THR A 7 -0.19 19.35 5.69
CA THR A 7 -0.90 20.13 4.69
C THR A 7 -1.94 21.10 5.27
N ASP A 8 -2.07 21.10 6.59
CA ASP A 8 -2.97 22.03 7.30
C ASP A 8 -2.74 21.98 8.81
N ILE A 9 -3.02 23.09 9.48
CA ILE A 9 -3.05 23.13 10.94
C ILE A 9 -4.48 23.14 11.43
N GLY A 10 -4.92 22.02 11.99
CA GLY A 10 -6.26 21.91 12.57
C GLY A 10 -6.33 22.51 13.96
N LYS A 11 -7.55 22.77 14.43
CA LYS A 11 -7.77 23.28 15.77
C LYS A 11 -8.85 22.47 16.47
N VAL A 12 -8.55 22.02 17.70
CA VAL A 12 -9.49 21.21 18.47
C VAL A 12 -10.63 22.09 18.97
N ASP A 13 -11.85 21.76 18.52
CA ASP A 13 -13.05 22.51 18.90
C ASP A 13 -13.62 22.07 20.24
N ARG A 14 -13.81 20.75 20.40
CA ARG A 14 -14.37 20.21 21.64
C ARG A 14 -13.75 18.87 22.01
N VAL A 15 -13.78 18.58 23.31
CA VAL A 15 -13.32 17.29 23.83
C VAL A 15 -14.43 16.68 24.70
N LYS A 16 -15.29 15.91 24.05
CA LYS A 16 -16.42 15.26 24.74
C LYS A 16 -16.00 13.87 25.24
N PRO A 17 -16.14 13.64 26.56
CA PRO A 17 -15.73 12.38 27.20
C PRO A 17 -16.60 11.17 26.79
N LEU A 18 -15.94 10.06 26.48
CA LEU A 18 -16.59 8.82 26.09
C LEU A 18 -16.20 7.71 27.06
N ASN A 19 -16.78 6.53 26.87
CA ASN A 19 -16.46 5.37 27.69
C ASN A 19 -15.06 4.85 27.36
N GLU A 20 -14.11 5.16 28.23
CA GLU A 20 -12.67 4.91 28.00
C GLU A 20 -12.16 5.46 26.66
N GLY A 21 -12.56 6.70 26.37
CA GLY A 21 -12.18 7.39 25.14
C GLY A 21 -12.68 8.82 25.14
N VAL A 22 -12.26 9.59 24.13
CA VAL A 22 -12.75 10.96 23.95
C VAL A 22 -13.11 11.25 22.50
N LEU A 23 -14.20 11.99 22.31
CA LEU A 23 -14.57 12.50 20.99
C LEU A 23 -13.88 13.83 20.75
N LEU A 24 -13.39 14.03 19.53
CA LEU A 24 -12.71 15.26 19.15
C LEU A 24 -13.32 15.85 17.88
N ARG A 25 -13.72 17.12 17.95
CA ARG A 25 -14.09 17.87 16.76
C ARG A 25 -12.91 18.73 16.36
N ILE A 26 -12.45 18.55 15.13
CA ILE A 26 -11.25 19.24 14.66
C ILE A 26 -11.59 20.17 13.51
N GLU A 27 -11.40 21.47 13.75
CA GLU A 27 -11.61 22.51 12.76
C GLU A 27 -10.46 22.48 11.77
N THR A 28 -10.78 22.51 10.48
CA THR A 28 -9.76 22.38 9.44
C THR A 28 -10.04 23.23 8.21
N ALA A 29 -9.01 23.40 7.38
CA ALA A 29 -9.14 24.12 6.11
C ALA A 29 -9.59 23.17 5.00
N TYR A 30 -9.58 21.88 5.29
CA TYR A 30 -10.01 20.85 4.33
C TYR A 30 -11.48 21.00 4.00
N ASP A 31 -11.84 20.70 2.76
CA ASP A 31 -13.25 20.67 2.34
C ASP A 31 -13.86 19.33 2.78
N PRO A 32 -14.84 19.37 3.72
CA PRO A 32 -15.51 18.16 4.20
C PRO A 32 -16.05 17.29 3.08
N GLU A 33 -16.56 17.94 2.02
CA GLU A 33 -17.03 17.26 0.81
C GLU A 33 -16.00 16.28 0.24
N THR A 34 -14.72 16.53 0.54
CA THR A 34 -13.63 15.67 0.04
C THR A 34 -13.14 14.63 1.07
N ILE A 35 -13.78 14.60 2.24
CA ILE A 35 -13.46 13.61 3.27
C ILE A 35 -14.61 12.60 3.39
N GLU A 36 -14.30 11.32 3.17
CA GLU A 36 -15.31 10.26 3.33
C GLU A 36 -15.36 9.79 4.77
N LEU A 37 -16.57 9.49 5.26
CA LEU A 37 -16.73 8.89 6.58
C LEU A 37 -15.88 7.62 6.66
N GLY A 38 -15.13 7.47 7.75
CA GLY A 38 -14.25 6.32 7.92
C GLY A 38 -12.84 6.54 7.41
N ALA A 39 -12.58 7.74 6.87
CA ALA A 39 -11.25 8.09 6.38
C ALA A 39 -10.25 8.18 7.53
N SER A 40 -8.97 8.04 7.20
CA SER A 40 -7.91 8.17 8.17
C SER A 40 -7.23 9.53 8.01
N ILE A 41 -7.15 10.28 9.10
CA ILE A 41 -6.40 11.55 9.11
C ILE A 41 -5.39 11.51 10.25
N ALA A 42 -4.13 11.84 9.91
CA ALA A 42 -3.06 11.91 10.90
C ALA A 42 -3.18 13.20 11.69
N CYS A 43 -3.69 13.07 12.92
CA CYS A 43 -3.84 14.22 13.81
C CYS A 43 -2.63 14.27 14.72
N SER A 44 -1.74 15.22 14.41
CA SER A 44 -0.45 15.34 15.09
C SER A 44 0.30 14.00 15.15
N GLY A 45 0.35 13.31 14.01
CA GLY A 45 1.04 12.04 13.90
C GLY A 45 0.22 10.82 14.29
N VAL A 46 -0.88 11.05 15.00
CA VAL A 46 -1.76 9.96 15.42
C VAL A 46 -2.81 9.75 14.33
N CYS A 47 -2.85 8.53 13.79
CA CYS A 47 -3.83 8.18 12.78
C CYS A 47 -5.18 7.87 13.44
N LEU A 48 -6.18 8.67 13.09
CA LEU A 48 -7.51 8.58 13.68
C LEU A 48 -8.57 8.42 12.58
N THR A 49 -9.72 7.86 12.96
CA THR A 49 -10.79 7.57 12.01
C THR A 49 -11.96 8.55 12.11
N VAL A 50 -12.27 9.19 10.99
CA VAL A 50 -13.38 10.14 10.88
C VAL A 50 -14.71 9.44 11.07
N VAL A 51 -15.50 9.91 12.03
CA VAL A 51 -16.79 9.29 12.35
C VAL A 51 -17.98 10.20 12.06
N ALA A 52 -17.71 11.48 11.88
CA ALA A 52 -18.75 12.49 11.65
C ALA A 52 -18.23 13.73 10.93
N LEU A 53 -19.09 14.32 10.10
CA LEU A 53 -18.80 15.55 9.38
C LEU A 53 -19.99 16.52 9.51
N PRO A 54 -19.80 17.81 9.13
CA PRO A 54 -20.90 18.76 9.26
C PRO A 54 -22.10 18.40 8.40
N GLU A 55 -23.27 18.88 8.77
CA GLU A 55 -24.49 18.65 8.00
C GLU A 55 -24.38 19.29 6.62
N LYS A 56 -25.15 18.75 5.68
CA LYS A 56 -25.34 19.37 4.37
C LYS A 56 -25.94 20.77 4.55
N GLY A 57 -25.41 21.75 3.83
CA GLY A 57 -25.90 23.12 3.94
C GLY A 57 -25.27 23.93 5.06
N SER A 58 -24.44 23.29 5.87
CA SER A 58 -23.63 24.00 6.86
C SER A 58 -22.38 24.55 6.19
N ASN A 59 -21.99 25.76 6.59
CA ASN A 59 -20.85 26.45 6.00
C ASN A 59 -19.61 26.34 6.89
N ALA A 60 -19.55 25.28 7.69
CA ALA A 60 -18.42 25.03 8.58
C ALA A 60 -17.53 23.92 8.03
N ARG A 61 -16.26 23.97 8.40
CA ARG A 61 -15.27 22.98 7.98
C ARG A 61 -14.64 22.31 9.20
N TRP A 62 -15.20 21.16 9.60
CA TRP A 62 -14.66 20.34 10.68
C TRP A 62 -14.89 18.86 10.45
N PHE A 63 -14.12 18.03 11.17
CA PHE A 63 -14.37 16.59 11.22
C PHE A 63 -14.28 16.09 12.64
N GLU A 64 -14.85 14.91 12.88
CA GLU A 64 -14.82 14.30 14.21
C GLU A 64 -14.16 12.93 14.18
N VAL A 65 -13.28 12.70 15.15
CA VAL A 65 -12.63 11.41 15.35
C VAL A 65 -12.79 10.97 16.81
N GLU A 66 -12.62 9.67 17.06
CA GLU A 66 -12.70 9.15 18.42
C GLU A 66 -11.35 8.54 18.85
N ALA A 67 -10.90 8.87 20.05
CA ALA A 67 -9.64 8.35 20.59
C ALA A 67 -9.87 7.43 21.77
N TRP A 68 -9.28 6.24 21.74
CA TRP A 68 -9.52 5.21 22.76
C TRP A 68 -8.27 4.89 23.57
N GLU A 69 -8.28 3.77 24.31
CA GLU A 69 -7.23 3.47 25.29
C GLU A 69 -5.80 3.72 24.77
N GLU A 70 -5.42 3.07 23.68
CA GLU A 70 -4.06 3.18 23.14
C GLU A 70 -3.67 4.61 22.75
N ALA A 71 -4.59 5.32 22.12
CA ALA A 71 -4.35 6.71 21.71
C ALA A 71 -4.15 7.61 22.91
N LEU A 72 -4.99 7.44 23.94
CA LEU A 72 -4.86 8.22 25.17
C LEU A 72 -3.65 7.79 25.99
N ARG A 73 -3.43 6.47 26.04
CA ARG A 73 -2.34 5.88 26.82
C ARG A 73 -0.97 6.38 26.38
N LEU A 74 -0.78 6.53 25.06
CA LEU A 74 0.55 6.77 24.49
C LEU A 74 0.81 8.17 23.92
N THR A 75 -0.22 8.80 23.37
CA THR A 75 -0.03 10.05 22.61
C THR A 75 -0.27 11.29 23.46
N THR A 76 -0.10 12.47 22.85
CA THR A 76 -0.36 13.74 23.55
C THR A 76 -1.85 14.06 23.62
N ILE A 77 -2.67 13.25 22.96
CA ILE A 77 -4.13 13.42 22.96
C ILE A 77 -4.70 13.42 24.39
N SER A 78 -4.00 12.77 25.31
CA SER A 78 -4.41 12.72 26.72
C SER A 78 -4.52 14.11 27.37
N SER A 79 -3.76 15.08 26.86
CA SER A 79 -3.80 16.44 27.39
C SER A 79 -4.58 17.42 26.51
N TRP A 80 -5.02 16.96 25.34
CA TRP A 80 -5.70 17.82 24.36
C TRP A 80 -6.95 18.50 24.88
N GLN A 81 -6.97 19.82 24.73
CA GLN A 81 -8.11 20.63 25.16
C GLN A 81 -8.58 21.50 24.00
N SER A 82 -9.76 22.09 24.15
CA SER A 82 -10.30 23.00 23.14
C SER A 82 -9.35 24.18 22.92
N GLY A 83 -9.10 24.51 21.65
CA GLY A 83 -8.20 25.61 21.28
C GLY A 83 -6.82 25.17 20.81
N ARG A 84 -6.48 23.92 21.07
CA ARG A 84 -5.16 23.38 20.74
C ARG A 84 -4.96 23.20 19.23
N LYS A 85 -3.92 23.84 18.70
CA LYS A 85 -3.57 23.72 17.30
C LYS A 85 -2.79 22.44 17.05
N ILE A 86 -3.21 21.66 16.06
CA ILE A 86 -2.58 20.38 15.74
C ILE A 86 -2.25 20.26 14.26
N ASN A 87 -1.19 19.51 13.95
CA ASN A 87 -0.82 19.23 12.56
C ASN A 87 -1.79 18.24 11.91
N LEU A 88 -2.12 18.49 10.65
CA LEU A 88 -3.01 17.57 9.91
C LEU A 88 -2.38 17.10 8.61
N GLU A 89 -2.72 15.87 8.23
CA GLU A 89 -2.30 15.29 6.97
C GLU A 89 -3.31 14.24 6.54
N ARG A 90 -3.66 14.26 5.25
CA ARG A 90 -4.56 13.28 4.67
C ARG A 90 -3.82 12.00 4.34
N SER A 91 -4.56 10.92 4.13
CA SER A 91 -3.98 9.65 3.68
C SER A 91 -3.33 9.79 2.30
N LEU A 92 -2.34 8.96 2.03
CA LEU A 92 -1.67 8.95 0.74
C LEU A 92 -2.57 8.31 -0.30
N LYS A 93 -2.68 8.95 -1.46
CA LYS A 93 -3.54 8.46 -2.54
C LYS A 93 -2.75 7.54 -3.47
N LEU A 94 -3.40 6.50 -3.97
CA LEU A 94 -2.78 5.55 -4.89
C LEU A 94 -2.38 6.23 -6.20
N GLY A 95 -1.09 6.25 -6.48
CA GLY A 95 -0.57 6.96 -7.65
C GLY A 95 0.39 8.07 -7.26
N ASP A 96 0.31 8.51 -6.01
CA ASP A 96 1.28 9.46 -5.46
C ASP A 96 2.54 8.73 -5.02
N GLU A 97 3.62 9.48 -4.83
CA GLU A 97 4.92 8.91 -4.50
C GLU A 97 5.13 8.78 -3.00
N MET A 98 5.96 7.81 -2.60
CA MET A 98 6.32 7.59 -1.19
C MET A 98 7.77 8.02 -0.98
N GLY A 99 8.00 9.31 -1.07
CA GLY A 99 9.35 9.85 -1.15
C GLY A 99 10.13 9.98 0.15
N GLY A 100 10.82 8.92 0.54
CA GLY A 100 11.84 9.01 1.58
C GLY A 100 11.45 8.58 2.99
N HIS A 101 10.22 8.90 3.41
CA HIS A 101 9.75 8.52 4.73
CA HIS A 101 9.75 8.58 4.75
C HIS A 101 8.24 8.30 4.81
N LEU A 102 7.87 7.05 5.04
CA LEU A 102 6.48 6.67 5.19
C LEU A 102 6.08 6.74 6.65
N VAL A 103 5.02 7.50 6.93
CA VAL A 103 4.50 7.64 8.28
C VAL A 103 3.16 6.91 8.33
N PHE A 104 3.00 6.00 9.28
CA PHE A 104 1.81 5.17 9.34
C PHE A 104 0.82 5.58 10.42
N GLY A 105 1.25 6.48 11.30
CA GLY A 105 0.40 6.99 12.36
C GLY A 105 0.41 6.15 13.61
N HIS A 106 1.31 5.17 13.68
CA HIS A 106 1.48 4.35 14.87
C HIS A 106 2.54 4.96 15.77
N VAL A 107 2.13 5.82 16.70
CA VAL A 107 3.10 6.48 17.57
C VAL A 107 3.46 5.58 18.76
N ASP A 108 4.73 5.64 19.16
CA ASP A 108 5.25 4.77 20.21
C ASP A 108 5.09 5.38 21.59
N GLY A 109 5.02 6.71 21.63
CA GLY A 109 4.91 7.43 22.89
C GLY A 109 5.24 8.90 22.68
N GLN A 110 5.66 9.55 23.75
CA GLN A 110 5.93 10.98 23.69
C GLN A 110 7.40 11.31 23.92
N ALA A 111 7.95 12.15 23.04
CA ALA A 111 9.28 12.70 23.23
C ALA A 111 9.13 14.10 23.83
N GLU A 112 10.14 14.54 24.58
CA GLU A 112 10.11 15.85 25.22
C GLU A 112 11.19 16.77 24.66
N ILE A 113 10.76 17.94 24.20
CA ILE A 113 11.69 18.99 23.78
C ILE A 113 12.33 19.59 25.03
N VAL A 114 13.66 19.59 25.05
CA VAL A 114 14.41 20.04 26.22
C VAL A 114 15.22 21.32 25.97
N GLU A 115 15.26 21.76 24.71
CA GLU A 115 16.02 22.94 24.29
C GLU A 115 15.53 23.44 22.93
N ARG A 116 15.41 24.76 22.80
CA ARG A 116 15.03 25.40 21.55
C ARG A 116 16.01 26.52 21.22
N LYS A 117 16.98 26.23 20.34
CA LYS A 117 17.92 27.25 19.89
C LYS A 117 17.58 27.75 18.49
N ASP A 118 17.59 29.07 18.33
CA ASP A 118 17.48 29.68 17.01
C ASP A 118 18.78 29.48 16.25
N GLU A 119 18.68 29.20 14.96
CA GLU A 119 19.85 29.09 14.08
C GLU A 119 19.55 29.71 12.72
N GLY A 120 19.65 31.04 12.67
CA GLY A 120 19.34 31.82 11.46
C GLY A 120 17.85 31.95 11.26
N ASP A 121 17.40 31.58 10.06
CA ASP A 121 15.97 31.53 9.73
C ASP A 121 15.34 30.24 10.26
N ALA A 122 16.19 29.32 10.71
CA ALA A 122 15.75 28.00 11.19
C ALA A 122 15.87 27.89 12.72
N VAL A 123 15.20 26.88 13.27
CA VAL A 123 15.22 26.61 14.71
C VAL A 123 15.61 25.15 14.96
N ARG A 124 16.56 24.94 15.85
CA ARG A 124 17.04 23.60 16.20
C ARG A 124 16.38 23.13 17.49
N PHE A 125 15.73 21.97 17.44
CA PHE A 125 15.06 21.40 18.59
C PHE A 125 15.80 20.20 19.15
N THR A 126 16.18 20.28 20.42
CA THR A 126 16.81 19.17 21.10
C THR A 126 15.73 18.41 21.86
N LEU A 127 15.61 17.12 21.57
CA LEU A 127 14.56 16.29 22.13
C LEU A 127 15.10 15.10 22.90
N ARG A 128 14.25 14.53 23.75
CA ARG A 128 14.61 13.39 24.56
C ARG A 128 13.49 12.35 24.45
N ALA A 129 13.83 11.18 23.91
CA ALA A 129 12.85 10.12 23.69
C ALA A 129 12.88 9.06 24.79
N PRO A 130 11.77 8.29 24.93
CA PRO A 130 11.71 7.19 25.90
C PRO A 130 12.82 6.14 25.71
N GLU A 131 13.29 5.59 26.83
CA GLU A 131 14.37 4.58 26.86
C GLU A 131 14.35 3.58 25.72
N GLU A 132 13.24 2.87 25.59
CA GLU A 132 13.05 1.77 24.65
C GLU A 132 13.33 2.18 23.20
N LEU A 133 13.18 3.47 22.91
CA LEU A 133 13.27 3.99 21.54
C LEU A 133 14.67 4.47 21.13
N ALA A 134 15.62 4.42 22.07
CA ALA A 134 17.01 4.81 21.81
C ALA A 134 17.71 4.04 20.67
N PRO A 135 17.54 2.69 20.61
CA PRO A 135 18.17 1.93 19.52
C PRO A 135 17.65 2.28 18.13
N PHE A 136 16.40 2.75 18.05
CA PHE A 136 15.80 3.13 16.77
C PHE A 136 16.28 4.49 16.27
N ILE A 137 16.69 5.34 17.20
CA ILE A 137 17.21 6.66 16.86
C ILE A 137 18.66 6.54 16.36
N ALA A 138 18.77 6.29 15.05
CA ALA A 138 20.07 6.23 14.38
C ALA A 138 20.29 7.53 13.62
N GLN A 139 21.43 8.17 13.86
CA GLN A 139 21.79 9.45 13.24
C GLN A 139 21.47 9.48 11.75
N LYS A 140 21.05 10.65 11.27
CA LYS A 140 20.63 10.85 9.87
C LYS A 140 19.46 9.96 9.42
N GLY A 141 18.76 9.33 10.37
CA GLY A 141 17.56 8.54 10.09
C GLY A 141 16.29 9.36 10.27
N SER A 142 15.25 9.04 9.51
CA SER A 142 13.98 9.76 9.59
C SER A 142 13.11 9.32 10.75
N VAL A 143 12.34 10.28 11.28
CA VAL A 143 11.43 10.04 12.40
C VAL A 143 10.20 10.95 12.24
N ALA A 144 9.08 10.57 12.83
CA ALA A 144 7.85 11.37 12.76
C ALA A 144 7.54 12.00 14.11
N LEU A 145 7.74 13.30 14.19
CA LEU A 145 7.49 14.05 15.42
C LEU A 145 6.35 15.02 15.20
N ASP A 146 5.24 14.77 15.91
CA ASP A 146 3.96 15.46 15.69
C ASP A 146 3.50 15.34 14.22
N GLY A 147 3.77 14.18 13.63
CA GLY A 147 3.40 13.88 12.25
C GLY A 147 4.27 14.54 11.20
N THR A 148 5.43 15.03 11.61
CA THR A 148 6.36 15.68 10.69
C THR A 148 7.58 14.81 10.49
N SER A 149 7.81 14.43 9.23
CA SER A 149 9.01 13.68 8.87
C SER A 149 10.23 14.57 8.98
N LEU A 150 11.11 14.24 9.93
CA LEU A 150 12.32 15.01 10.18
C LEU A 150 13.53 14.09 10.30
N THR A 151 14.66 14.60 9.84
CA THR A 151 15.92 13.87 9.90
C THR A 151 16.57 14.05 11.27
N VAL A 152 16.82 12.93 11.95
CA VAL A 152 17.50 12.93 13.24
C VAL A 152 18.97 13.29 13.04
N ASN A 153 19.39 14.43 13.55
CA ASN A 153 20.78 14.85 13.44
C ASN A 153 21.66 14.25 14.55
N GLY A 154 22.32 15.10 15.33
CA GLY A 154 23.17 14.64 16.43
C GLY A 154 22.39 13.83 17.44
N VAL A 155 23.01 12.75 17.93
CA VAL A 155 22.33 11.82 18.83
C VAL A 155 23.22 11.41 20.00
N ASN A 156 22.67 11.51 21.20
CA ASN A 156 23.36 11.11 22.43
C ASN A 156 22.45 10.24 23.30
N ALA A 157 22.59 8.93 23.13
CA ALA A 157 21.72 7.91 23.78
C ALA A 157 20.26 8.06 23.39
N ASN A 158 19.48 8.76 24.21
CA ASN A 158 18.07 9.04 23.92
C ASN A 158 17.81 10.53 23.63
N GLU A 159 18.89 11.31 23.61
CA GLU A 159 18.83 12.71 23.19
C GLU A 159 19.10 12.77 21.70
N PHE A 160 18.36 13.62 20.99
CA PHE A 160 18.60 13.86 19.57
C PHE A 160 18.16 15.26 19.13
N ASP A 161 18.67 15.69 17.97
CA ASP A 161 18.34 17.02 17.43
C ASP A 161 17.62 16.92 16.09
N VAL A 162 16.66 17.82 15.88
CA VAL A 162 16.03 17.99 14.58
C VAL A 162 16.13 19.46 14.16
N LEU A 163 16.24 19.69 12.85
CA LEU A 163 16.35 21.04 12.33
C LEU A 163 15.12 21.40 11.52
N LEU A 164 14.43 22.47 11.92
CA LEU A 164 13.24 22.92 11.20
C LEU A 164 13.45 24.25 10.50
N ILE A 165 13.26 24.24 9.18
CA ILE A 165 13.47 25.42 8.34
C ILE A 165 12.29 26.38 8.44
N ARG A 166 12.51 27.64 8.05
CA ARG A 166 11.53 28.71 8.19
C ARG A 166 10.12 28.32 7.70
N HIS A 167 10.05 27.70 6.52
CA HIS A 167 8.76 27.30 5.95
C HIS A 167 8.06 26.22 6.77
N SER A 168 8.84 25.30 7.33
CA SER A 168 8.29 24.28 8.24
C SER A 168 7.69 24.91 9.50
N LEU A 169 8.30 25.99 9.96
CA LEU A 169 7.85 26.69 11.17
C LEU A 169 6.58 27.52 10.92
N GLU A 170 6.25 27.76 9.66
CA GLU A 170 5.10 28.59 9.30
C GLU A 170 3.84 27.79 8.99
N VAL A 171 4.01 26.59 8.41
CA VAL A 171 2.88 25.77 8.00
C VAL A 171 2.55 24.63 8.99
N THR A 172 3.39 24.47 10.01
CA THR A 172 3.17 23.45 11.05
C THR A 172 3.15 24.07 12.45
N THR A 173 2.78 23.28 13.45
CA THR A 173 2.70 23.74 14.83
C THR A 173 4.07 23.90 15.51
N TRP A 174 5.13 23.49 14.80
CA TRP A 174 6.48 23.55 15.34
C TRP A 174 6.96 24.98 15.63
N GLY A 175 6.40 25.95 14.91
CA GLY A 175 6.71 27.36 15.12
C GLY A 175 6.35 27.86 16.51
N GLU A 176 5.28 27.29 17.06
CA GLU A 176 4.82 27.67 18.41
C GLU A 176 5.35 26.72 19.48
N ARG A 177 5.99 25.65 19.05
CA ARG A 177 6.47 24.60 19.94
C ARG A 177 7.66 25.10 20.78
N LYS A 178 7.51 25.03 22.10
CA LYS A 178 8.50 25.60 23.01
C LYS A 178 9.14 24.54 23.91
N ALA A 179 10.24 24.89 24.57
CA ALA A 179 10.97 23.97 25.44
C ALA A 179 10.09 23.47 26.57
N GLY A 180 10.10 22.16 26.77
CA GLY A 180 9.27 21.50 27.79
C GLY A 180 8.06 20.75 27.25
N ASP A 181 7.65 21.08 26.03
CA ASP A 181 6.48 20.48 25.39
C ASP A 181 6.68 19.01 25.03
N LYS A 182 5.57 18.30 24.93
CA LYS A 182 5.58 16.88 24.57
C LYS A 182 5.17 16.74 23.11
N VAL A 183 5.93 15.95 22.36
CA VAL A 183 5.62 15.66 20.95
C VAL A 183 5.41 14.17 20.73
N ASN A 184 4.58 13.84 19.75
CA ASN A 184 4.34 12.44 19.39
C ASN A 184 5.51 11.91 18.58
N ILE A 185 5.93 10.69 18.89
CA ILE A 185 7.03 10.08 18.17
C ILE A 185 6.61 8.76 17.51
N GLU A 186 6.80 8.70 16.19
CA GLU A 186 6.63 7.47 15.44
C GLU A 186 7.96 7.06 14.82
N ILE A 187 8.42 5.87 15.21
CA ILE A 187 9.63 5.28 14.66
C ILE A 187 9.35 4.75 13.25
N ASP A 188 10.38 4.76 12.40
CA ASP A 188 10.31 4.24 11.04
C ASP A 188 9.75 2.80 11.03
N GLN A 189 8.68 2.62 10.25
CA GLN A 189 7.99 1.32 10.15
C GLN A 189 8.92 0.20 9.70
N LEU A 190 9.81 0.50 8.75
CA LEU A 190 10.72 -0.50 8.19
C LEU A 190 11.81 -0.87 9.19
N ALA A 191 12.31 0.13 9.92
CA ALA A 191 13.31 -0.08 10.96
C ALA A 191 12.82 -0.99 12.09
N ARG A 192 11.54 -0.88 12.45
CA ARG A 192 11.00 -1.71 13.52
C ARG A 192 10.79 -3.17 13.11
N TYR A 193 10.50 -3.39 11.83
CA TYR A 193 10.41 -4.75 11.31
C TYR A 193 11.79 -5.41 11.31
N ALA A 194 12.83 -4.61 11.05
CA ALA A 194 14.21 -5.10 11.04
C ALA A 194 14.69 -5.56 12.42
N ALA A 195 14.43 -4.73 13.44
CA ALA A 195 14.84 -5.03 14.81
C ALA A 195 14.08 -6.22 15.41
N ARG A 196 12.80 -6.34 15.04
CA ARG A 196 11.96 -7.48 15.44
C ARG A 196 12.48 -8.77 14.79
N LEU A 197 12.88 -8.65 13.53
CA LEU A 197 13.45 -9.74 12.77
C LEU A 197 14.81 -10.12 13.35
N ALA A 198 15.51 -9.11 13.88
CA ALA A 198 16.84 -9.29 14.47
C ALA A 198 16.80 -10.10 15.78
N GLN A 199 15.75 -9.90 16.57
CA GLN A 199 15.61 -10.63 17.85
C GLN A 199 15.18 -12.09 17.65
N TYR A 200 15.78 -12.75 16.66
CA TYR A 200 15.52 -14.16 16.36
C TYR A 200 16.78 -14.84 15.84
N MET B 1 -4.86 -4.37 -5.40
CA MET B 1 -4.36 -3.89 -4.08
C MET B 1 -5.54 -3.48 -3.19
N PHE B 2 -5.34 -3.60 -1.88
CA PHE B 2 -6.31 -3.13 -0.89
C PHE B 2 -5.56 -2.31 0.15
N THR B 3 -6.29 -1.78 1.14
CA THR B 3 -5.66 -1.06 2.23
C THR B 3 -6.02 -1.62 3.60
N GLY B 4 -7.04 -2.46 3.64
CA GLY B 4 -7.50 -3.04 4.88
C GLY B 4 -8.52 -2.17 5.59
N ILE B 5 -9.21 -1.33 4.82
CA ILE B 5 -10.33 -0.56 5.34
C ILE B 5 -11.64 -1.14 4.80
N ILE B 6 -12.44 -1.71 5.70
CA ILE B 6 -13.66 -2.41 5.34
C ILE B 6 -14.75 -1.42 4.99
N THR B 7 -15.33 -1.60 3.81
CA THR B 7 -16.34 -0.67 3.30
C THR B 7 -17.76 -1.26 3.31
N ASP B 8 -17.87 -2.55 3.66
CA ASP B 8 -19.15 -3.25 3.74
C ASP B 8 -19.06 -4.61 4.44
N ILE B 9 -20.12 -4.96 5.17
CA ILE B 9 -20.29 -6.30 5.75
C ILE B 9 -21.26 -7.09 4.87
N GLY B 10 -20.78 -8.21 4.33
CA GLY B 10 -21.59 -9.05 3.45
C GLY B 10 -22.05 -10.34 4.11
N LYS B 11 -23.13 -10.92 3.59
CA LYS B 11 -23.67 -12.18 4.10
C LYS B 11 -23.61 -13.28 3.05
N VAL B 12 -23.18 -14.47 3.45
CA VAL B 12 -23.07 -15.62 2.56
C VAL B 12 -24.43 -16.28 2.35
N ASP B 13 -24.93 -16.21 1.12
CA ASP B 13 -26.23 -16.78 0.75
C ASP B 13 -26.14 -18.27 0.42
N ARG B 14 -25.11 -18.65 -0.33
CA ARG B 14 -24.96 -20.00 -0.82
C ARG B 14 -23.52 -20.49 -0.72
N VAL B 15 -23.38 -21.75 -0.34
CA VAL B 15 -22.10 -22.45 -0.39
C VAL B 15 -22.28 -23.70 -1.24
N LYS B 16 -21.59 -23.74 -2.38
CA LYS B 16 -21.66 -24.88 -3.30
C LYS B 16 -20.26 -25.38 -3.66
N PRO B 17 -19.92 -26.62 -3.24
CA PRO B 17 -18.61 -27.21 -3.53
C PRO B 17 -18.39 -27.53 -5.02
N LEU B 18 -17.15 -27.37 -5.47
CA LEU B 18 -16.74 -27.67 -6.85
C LEU B 18 -15.45 -28.51 -6.87
N ASN B 19 -14.74 -28.48 -7.99
CA ASN B 19 -13.43 -29.10 -8.09
C ASN B 19 -12.33 -28.20 -7.54
N GLU B 20 -11.56 -28.74 -6.59
CA GLU B 20 -10.49 -28.02 -5.89
C GLU B 20 -10.96 -26.91 -4.94
N GLY B 21 -12.18 -26.41 -5.15
CA GLY B 21 -12.71 -25.32 -4.34
C GLY B 21 -14.20 -25.28 -4.09
N VAL B 22 -14.69 -24.12 -3.65
CA VAL B 22 -16.12 -23.89 -3.39
C VAL B 22 -16.60 -22.60 -4.07
N LEU B 23 -17.91 -22.50 -4.29
CA LEU B 23 -18.53 -21.30 -4.85
C LEU B 23 -19.35 -20.58 -3.79
N LEU B 24 -19.15 -19.28 -3.70
CA LEU B 24 -19.82 -18.47 -2.68
C LEU B 24 -20.63 -17.34 -3.30
N ARG B 25 -21.88 -17.21 -2.85
CA ARG B 25 -22.68 -16.04 -3.16
C ARG B 25 -22.77 -15.16 -1.91
N ILE B 26 -22.43 -13.89 -2.06
CA ILE B 26 -22.38 -12.96 -0.95
C ILE B 26 -23.31 -11.78 -1.19
N GLU B 27 -24.32 -11.65 -0.33
CA GLU B 27 -25.22 -10.49 -0.36
C GLU B 27 -24.43 -9.28 0.11
N THR B 28 -24.59 -8.15 -0.58
CA THR B 28 -23.76 -6.97 -0.32
C THR B 28 -24.51 -5.65 -0.44
N ALA B 29 -23.88 -4.58 0.00
CA ALA B 29 -24.41 -3.21 -0.17
C ALA B 29 -23.84 -2.52 -1.41
N TYR B 30 -22.81 -3.13 -2.01
CA TYR B 30 -22.22 -2.61 -3.24
C TYR B 30 -23.21 -2.67 -4.40
N ASP B 31 -23.11 -1.69 -5.30
CA ASP B 31 -23.92 -1.67 -6.52
C ASP B 31 -23.24 -2.55 -7.58
N PRO B 32 -23.89 -3.66 -7.98
CA PRO B 32 -23.30 -4.61 -8.93
C PRO B 32 -22.94 -4.02 -10.30
N GLU B 33 -23.57 -2.88 -10.66
CA GLU B 33 -23.21 -2.13 -11.86
C GLU B 33 -21.75 -1.67 -11.84
N THR B 34 -21.23 -1.41 -10.64
CA THR B 34 -19.86 -0.94 -10.47
C THR B 34 -18.86 -2.10 -10.36
N ILE B 35 -19.36 -3.33 -10.49
CA ILE B 35 -18.52 -4.53 -10.46
C ILE B 35 -18.54 -5.21 -11.83
N GLU B 36 -17.36 -5.47 -12.37
CA GLU B 36 -17.21 -6.24 -13.61
C GLU B 36 -16.76 -7.67 -13.28
N LEU B 37 -17.10 -8.63 -14.14
CA LEU B 37 -16.66 -10.01 -13.98
C LEU B 37 -15.14 -10.05 -13.99
N GLY B 38 -14.55 -10.81 -13.07
CA GLY B 38 -13.10 -10.93 -12.99
C GLY B 38 -12.45 -9.82 -12.18
N ALA B 39 -13.24 -9.09 -11.41
CA ALA B 39 -12.71 -8.09 -10.48
C ALA B 39 -12.39 -8.76 -9.15
N SER B 40 -11.49 -8.14 -8.38
CA SER B 40 -11.08 -8.70 -7.10
C SER B 40 -11.78 -7.99 -5.94
N ILE B 41 -12.40 -8.78 -5.07
CA ILE B 41 -12.97 -8.26 -3.83
C ILE B 41 -12.44 -9.07 -2.66
N ALA B 42 -11.83 -8.37 -1.70
CA ALA B 42 -11.33 -8.98 -0.48
C ALA B 42 -12.48 -9.41 0.43
N CYS B 43 -12.64 -10.72 0.60
CA CYS B 43 -13.61 -11.28 1.52
C CYS B 43 -12.86 -11.80 2.74
N SER B 44 -13.16 -11.22 3.91
CA SER B 44 -12.43 -11.47 5.16
C SER B 44 -10.91 -11.52 4.97
N GLY B 45 -10.39 -10.62 4.14
CA GLY B 45 -8.97 -10.51 3.90
C GLY B 45 -8.42 -11.38 2.79
N VAL B 46 -9.31 -12.14 2.15
CA VAL B 46 -8.92 -13.08 1.10
C VAL B 46 -9.31 -12.53 -0.27
N CYS B 47 -8.31 -12.32 -1.12
CA CYS B 47 -8.53 -11.83 -2.47
C CYS B 47 -9.19 -12.90 -3.33
N LEU B 48 -10.41 -12.63 -3.76
CA LEU B 48 -11.21 -13.56 -4.56
C LEU B 48 -11.76 -12.89 -5.79
N THR B 49 -11.87 -13.65 -6.87
CA THR B 49 -12.32 -13.11 -8.16
C THR B 49 -13.83 -13.30 -8.36
N VAL B 50 -14.48 -12.22 -8.79
CA VAL B 50 -15.90 -12.26 -9.16
C VAL B 50 -16.07 -13.09 -10.42
N VAL B 51 -16.93 -14.11 -10.34
CA VAL B 51 -17.22 -14.98 -11.49
C VAL B 51 -18.65 -14.81 -12.01
N ALA B 52 -19.58 -14.46 -11.11
CA ALA B 52 -20.97 -14.23 -11.47
C ALA B 52 -21.53 -12.98 -10.82
N LEU B 53 -22.35 -12.25 -11.58
CA LEU B 53 -23.05 -11.07 -11.10
C LEU B 53 -24.53 -11.16 -11.48
N PRO B 54 -25.40 -10.38 -10.81
CA PRO B 54 -26.83 -10.42 -11.13
C PRO B 54 -27.13 -10.02 -12.57
N GLU B 55 -28.13 -10.69 -13.13
CA GLU B 55 -28.73 -10.35 -14.42
C GLU B 55 -28.88 -8.84 -14.51
N LYS B 56 -28.35 -8.24 -15.58
CA LYS B 56 -28.36 -6.77 -15.64
C LYS B 56 -29.73 -6.17 -15.93
N GLY B 57 -30.05 -5.13 -15.16
CA GLY B 57 -31.41 -4.62 -15.05
C GLY B 57 -31.97 -4.95 -13.67
N SER B 58 -31.48 -6.05 -13.08
CA SER B 58 -31.93 -6.52 -11.77
C SER B 58 -31.50 -5.58 -10.64
N ASN B 59 -32.27 -5.59 -9.56
CA ASN B 59 -31.99 -4.75 -8.38
C ASN B 59 -31.28 -5.51 -7.26
N ALA B 60 -31.31 -6.84 -7.31
CA ALA B 60 -30.67 -7.69 -6.30
C ALA B 60 -29.19 -7.37 -6.16
N ARG B 61 -28.71 -7.36 -4.92
CA ARG B 61 -27.34 -6.94 -4.62
C ARG B 61 -26.50 -8.07 -4.03
N TRP B 62 -25.86 -8.83 -4.91
CA TRP B 62 -24.97 -9.93 -4.53
C TRP B 62 -23.88 -10.10 -5.57
N PHE B 63 -22.83 -10.85 -5.22
CA PHE B 63 -21.81 -11.28 -6.18
C PHE B 63 -21.32 -12.68 -5.85
N GLU B 64 -20.73 -13.35 -6.82
CA GLU B 64 -20.21 -14.70 -6.63
C GLU B 64 -18.71 -14.82 -6.88
N VAL B 65 -18.04 -15.50 -5.94
CA VAL B 65 -16.61 -15.76 -6.04
C VAL B 65 -16.32 -17.26 -5.89
N GLU B 66 -15.19 -17.70 -6.44
CA GLU B 66 -14.74 -19.07 -6.24
C GLU B 66 -13.49 -19.12 -5.37
N ALA B 67 -13.51 -19.99 -4.36
CA ALA B 67 -12.32 -20.29 -3.57
C ALA B 67 -11.71 -21.59 -4.07
N TRP B 68 -10.40 -21.71 -3.96
CA TRP B 68 -9.69 -22.89 -4.48
C TRP B 68 -8.87 -23.62 -3.41
N GLU B 69 -8.05 -24.58 -3.84
CA GLU B 69 -7.26 -25.44 -2.95
C GLU B 69 -6.44 -24.66 -1.91
N GLU B 70 -5.56 -23.77 -2.39
CA GLU B 70 -4.71 -22.96 -1.52
C GLU B 70 -5.51 -22.09 -0.56
N ALA B 71 -6.66 -21.60 -1.04
CA ALA B 71 -7.54 -20.77 -0.23
C ALA B 71 -8.20 -21.58 0.87
N LEU B 72 -8.72 -22.76 0.53
CA LEU B 72 -9.43 -23.60 1.50
C LEU B 72 -8.53 -24.15 2.60
N ARG B 73 -7.28 -24.46 2.26
CA ARG B 73 -6.33 -25.00 3.23
C ARG B 73 -5.82 -23.93 4.20
N LEU B 74 -5.39 -22.79 3.65
CA LEU B 74 -4.82 -21.71 4.46
C LEU B 74 -5.84 -20.91 5.27
N THR B 75 -6.95 -20.54 4.63
CA THR B 75 -7.86 -19.54 5.17
C THR B 75 -9.03 -20.13 6.00
N THR B 76 -9.88 -19.24 6.49
CA THR B 76 -11.03 -19.61 7.30
C THR B 76 -12.21 -20.09 6.47
N ILE B 77 -12.15 -19.84 5.15
CA ILE B 77 -13.27 -20.08 4.23
C ILE B 77 -13.84 -21.50 4.29
N SER B 78 -12.99 -22.50 4.54
CA SER B 78 -13.41 -23.90 4.65
C SER B 78 -14.49 -24.13 5.71
N SER B 79 -14.56 -23.23 6.68
CA SER B 79 -15.57 -23.31 7.74
C SER B 79 -16.79 -22.42 7.46
N TRP B 80 -16.75 -21.68 6.36
CA TRP B 80 -17.82 -20.74 6.01
C TRP B 80 -19.10 -21.46 5.60
N GLN B 81 -20.20 -21.10 6.25
CA GLN B 81 -21.51 -21.65 5.93
C GLN B 81 -22.49 -20.50 5.63
N SER B 82 -23.63 -20.85 5.04
CA SER B 82 -24.69 -19.88 4.76
C SER B 82 -25.08 -19.09 6.00
N GLY B 83 -25.25 -17.78 5.83
CA GLY B 83 -25.64 -16.90 6.93
C GLY B 83 -24.46 -16.17 7.57
N ARG B 84 -23.25 -16.65 7.29
CA ARG B 84 -22.02 -16.05 7.81
C ARG B 84 -21.81 -14.64 7.24
N LYS B 85 -21.62 -13.67 8.14
CA LYS B 85 -21.26 -12.32 7.75
C LYS B 85 -19.74 -12.19 7.66
N ILE B 86 -19.27 -11.52 6.62
CA ILE B 86 -17.84 -11.34 6.39
C ILE B 86 -17.51 -9.89 6.06
N ASN B 87 -16.25 -9.51 6.27
CA ASN B 87 -15.75 -8.20 5.89
C ASN B 87 -15.52 -8.15 4.38
N LEU B 88 -15.87 -7.02 3.77
CA LEU B 88 -15.62 -6.83 2.33
C LEU B 88 -14.83 -5.56 2.06
N GLU B 89 -14.02 -5.59 1.00
CA GLU B 89 -13.29 -4.42 0.52
C GLU B 89 -13.06 -4.50 -0.98
N ARG B 90 -13.43 -3.44 -1.68
CA ARG B 90 -13.17 -3.32 -3.11
C ARG B 90 -11.70 -2.97 -3.35
N SER B 91 -11.23 -3.28 -4.56
CA SER B 91 -9.86 -2.95 -4.96
C SER B 91 -9.64 -1.45 -5.01
N LEU B 92 -8.44 -1.02 -4.70
CA LEU B 92 -8.07 0.38 -4.81
C LEU B 92 -8.04 0.83 -6.27
N LYS B 93 -8.80 1.88 -6.56
CA LYS B 93 -8.79 2.53 -7.87
C LYS B 93 -7.83 3.70 -7.82
N LEU B 94 -7.20 4.01 -8.97
CA LEU B 94 -6.24 5.11 -9.03
C LEU B 94 -6.83 6.39 -8.45
N GLY B 95 -6.23 6.87 -7.36
CA GLY B 95 -6.66 8.10 -6.71
C GLY B 95 -7.35 7.88 -5.37
N ASP B 96 -7.64 6.62 -5.05
CA ASP B 96 -8.28 6.28 -3.78
C ASP B 96 -7.31 6.44 -2.61
N GLU B 97 -7.85 6.93 -1.49
CA GLU B 97 -7.05 7.11 -0.29
C GLU B 97 -6.69 5.78 0.32
N MET B 98 -5.38 5.60 0.57
CA MET B 98 -4.89 4.38 1.20
C MET B 98 -4.85 4.58 2.71
N GLY B 99 -5.98 4.26 3.36
CA GLY B 99 -6.19 4.54 4.78
C GLY B 99 -5.27 3.81 5.75
N GLY B 100 -5.23 2.48 5.64
CA GLY B 100 -4.34 1.67 6.46
C GLY B 100 -2.98 1.48 5.81
N HIS B 101 -2.60 0.23 5.58
CA HIS B 101 -1.34 -0.08 4.89
C HIS B 101 -1.61 -0.80 3.56
N LEU B 102 -0.57 -1.33 2.93
CA LEU B 102 -0.71 -2.06 1.67
C LEU B 102 -1.08 -3.52 1.87
N VAL B 103 -2.38 -3.81 1.83
CA VAL B 103 -2.90 -5.16 1.97
C VAL B 103 -3.15 -5.74 0.57
N PHE B 104 -2.71 -6.97 0.35
CA PHE B 104 -2.78 -7.60 -0.97
C PHE B 104 -3.93 -8.59 -1.10
N GLY B 105 -4.48 -9.00 0.04
CA GLY B 105 -5.56 -9.98 0.07
C GLY B 105 -5.05 -11.40 -0.03
N HIS B 106 -3.75 -11.59 0.12
CA HIS B 106 -3.14 -12.91 0.06
C HIS B 106 -2.81 -13.38 1.46
N VAL B 107 -3.72 -14.19 2.02
CA VAL B 107 -3.66 -14.65 3.42
C VAL B 107 -2.52 -15.66 3.63
N ASP B 108 -1.73 -15.40 4.66
CA ASP B 108 -0.58 -16.25 4.99
C ASP B 108 -0.99 -17.50 5.76
N GLY B 109 -1.87 -17.33 6.74
CA GLY B 109 -2.34 -18.43 7.57
C GLY B 109 -3.51 -18.01 8.44
N GLN B 110 -3.64 -18.63 9.61
CA GLN B 110 -4.72 -18.31 10.55
C GLN B 110 -4.20 -18.08 11.96
N ALA B 111 -4.78 -17.09 12.64
CA ALA B 111 -4.46 -16.81 14.03
C ALA B 111 -5.70 -17.03 14.90
N GLU B 112 -5.47 -17.57 16.11
CA GLU B 112 -6.56 -17.81 17.06
C GLU B 112 -6.65 -16.68 18.08
N ILE B 113 -7.87 -16.26 18.37
CA ILE B 113 -8.11 -15.30 19.45
C ILE B 113 -8.09 -16.07 20.77
N VAL B 114 -7.25 -15.63 21.71
CA VAL B 114 -7.16 -16.28 23.01
C VAL B 114 -7.77 -15.45 24.14
N GLU B 115 -7.90 -14.14 23.91
CA GLU B 115 -8.48 -13.24 24.91
C GLU B 115 -9.24 -12.08 24.26
N ARG B 116 -10.44 -11.82 24.78
CA ARG B 116 -11.23 -10.66 24.37
C ARG B 116 -11.56 -9.84 25.62
N LYS B 117 -11.11 -8.60 25.65
CA LYS B 117 -11.35 -7.71 26.79
C LYS B 117 -11.92 -6.38 26.35
N ASP B 118 -12.99 -5.95 27.01
CA ASP B 118 -13.58 -4.64 26.78
C ASP B 118 -12.67 -3.54 27.30
N GLU B 119 -12.55 -2.46 26.52
CA GLU B 119 -11.81 -1.26 26.92
C GLU B 119 -12.76 -0.07 26.75
N GLY B 120 -13.84 -0.07 27.52
CA GLY B 120 -14.93 0.89 27.33
C GLY B 120 -15.71 0.49 26.10
N ASP B 121 -15.97 1.46 25.22
CA ASP B 121 -16.64 1.20 23.95
C ASP B 121 -15.68 0.66 22.88
N ALA B 122 -14.44 0.39 23.29
CA ALA B 122 -13.46 -0.28 22.43
C ALA B 122 -13.20 -1.69 22.97
N VAL B 123 -12.72 -2.57 22.09
CA VAL B 123 -12.39 -3.95 22.50
C VAL B 123 -10.95 -4.30 22.14
N ARG B 124 -10.24 -4.90 23.09
CA ARG B 124 -8.86 -5.33 22.88
C ARG B 124 -8.77 -6.85 22.75
N PHE B 125 -8.36 -7.30 21.56
CA PHE B 125 -8.18 -8.72 21.28
C PHE B 125 -6.71 -9.12 21.41
N THR B 126 -6.49 -10.35 21.89
CA THR B 126 -5.16 -10.91 21.98
C THR B 126 -5.15 -12.19 21.15
N LEU B 127 -4.14 -12.34 20.29
CA LEU B 127 -4.12 -13.44 19.32
C LEU B 127 -2.79 -14.18 19.28
N ARG B 128 -2.86 -15.46 18.95
CA ARG B 128 -1.67 -16.27 18.70
C ARG B 128 -1.49 -16.50 17.21
N ALA B 129 -0.45 -15.92 16.65
CA ALA B 129 -0.05 -16.18 15.27
C ALA B 129 0.70 -17.50 15.23
N PRO B 130 0.67 -18.20 14.08
CA PRO B 130 1.49 -19.41 13.98
C PRO B 130 2.98 -19.03 14.01
N GLU B 131 3.79 -19.84 14.71
CA GLU B 131 5.20 -19.53 14.95
C GLU B 131 5.95 -18.96 13.74
N GLU B 132 5.69 -19.55 12.57
CA GLU B 132 6.34 -19.16 11.32
C GLU B 132 6.09 -17.71 10.91
N LEU B 133 5.03 -17.11 11.46
CA LEU B 133 4.63 -15.74 11.14
C LEU B 133 5.10 -14.71 12.18
N ALA B 134 5.46 -15.19 13.38
CA ALA B 134 5.87 -14.35 14.51
C ALA B 134 6.94 -13.28 14.19
N PRO B 135 8.01 -13.65 13.45
CA PRO B 135 9.06 -12.66 13.17
C PRO B 135 8.57 -11.45 12.37
N PHE B 136 7.48 -11.62 11.62
CA PHE B 136 6.95 -10.56 10.76
C PHE B 136 5.89 -9.70 11.44
N ILE B 137 5.74 -9.86 12.75
CA ILE B 137 4.80 -9.05 13.53
C ILE B 137 5.55 -8.22 14.59
N ALA B 138 5.59 -6.91 14.38
CA ALA B 138 6.31 -6.01 15.28
C ALA B 138 5.39 -5.06 16.03
N GLN B 139 5.83 -4.64 17.21
CA GLN B 139 5.13 -3.62 18.00
C GLN B 139 5.00 -2.33 17.22
N LYS B 140 3.82 -1.72 17.29
CA LYS B 140 3.47 -0.50 16.54
C LYS B 140 3.70 -0.59 15.02
N GLY B 141 3.65 -1.81 14.52
CA GLY B 141 3.65 -2.06 13.07
C GLY B 141 2.24 -2.42 12.61
N SER B 142 2.11 -2.81 11.35
CA SER B 142 0.80 -3.12 10.79
C SER B 142 0.58 -4.61 10.60
N VAL B 143 -0.70 -4.99 10.59
CA VAL B 143 -1.13 -6.36 10.31
C VAL B 143 -2.51 -6.31 9.66
N ALA B 144 -2.88 -7.36 8.93
CA ALA B 144 -4.20 -7.45 8.33
C ALA B 144 -4.93 -8.70 8.83
N LEU B 145 -5.90 -8.49 9.71
CA LEU B 145 -6.68 -9.57 10.30
C LEU B 145 -8.13 -9.47 9.83
N ASP B 146 -8.59 -10.52 9.14
CA ASP B 146 -9.92 -10.54 8.50
C ASP B 146 -10.13 -9.37 7.53
N GLY B 147 -9.04 -8.98 6.87
CA GLY B 147 -9.08 -7.88 5.89
C GLY B 147 -9.06 -6.51 6.52
N THR B 148 -9.04 -6.45 7.84
CA THR B 148 -8.97 -5.20 8.59
C THR B 148 -7.52 -4.90 8.95
N SER B 149 -7.00 -3.79 8.44
CA SER B 149 -5.64 -3.36 8.77
C SER B 149 -5.63 -2.78 10.17
N LEU B 150 -4.73 -3.30 11.01
CA LEU B 150 -4.71 -2.96 12.43
C LEU B 150 -3.30 -2.69 12.96
N THR B 151 -3.23 -1.86 14.00
CA THR B 151 -1.97 -1.55 14.68
C THR B 151 -1.67 -2.62 15.73
N VAL B 152 -0.45 -3.16 15.68
CA VAL B 152 -0.02 -4.12 16.69
C VAL B 152 0.42 -3.35 17.94
N ASN B 153 -0.27 -3.60 19.05
CA ASN B 153 -0.08 -2.81 20.27
C ASN B 153 0.88 -3.42 21.30
N GLY B 154 1.25 -4.68 21.08
CA GLY B 154 2.13 -5.38 22.00
C GLY B 154 2.32 -6.81 21.54
N VAL B 155 3.57 -7.28 21.60
CA VAL B 155 3.90 -8.62 21.12
C VAL B 155 4.81 -9.34 22.10
N ASN B 156 4.45 -10.59 22.40
CA ASN B 156 5.27 -11.47 23.22
C ASN B 156 5.35 -12.84 22.56
N ALA B 157 6.52 -13.16 22.01
CA ALA B 157 6.73 -14.34 21.18
C ALA B 157 5.77 -14.35 19.99
N ASN B 158 4.93 -15.37 19.89
CA ASN B 158 3.97 -15.48 18.78
C ASN B 158 2.62 -14.86 19.10
N GLU B 159 2.46 -14.41 20.35
CA GLU B 159 1.22 -13.78 20.81
C GLU B 159 1.29 -12.26 20.62
N PHE B 160 0.19 -11.65 20.17
CA PHE B 160 0.13 -10.19 20.02
C PHE B 160 -1.22 -9.54 20.35
N ASP B 161 -1.21 -8.22 20.52
CA ASP B 161 -2.39 -7.44 20.90
C ASP B 161 -2.84 -6.50 19.79
N VAL B 162 -4.15 -6.40 19.60
CA VAL B 162 -4.75 -5.36 18.76
C VAL B 162 -5.89 -4.70 19.51
N LEU B 163 -6.06 -3.40 19.29
CA LEU B 163 -7.20 -2.66 19.84
C LEU B 163 -8.13 -2.27 18.71
N LEU B 164 -9.40 -2.65 18.86
CA LEU B 164 -10.41 -2.35 17.85
C LEU B 164 -11.32 -1.21 18.29
N ILE B 165 -11.18 -0.08 17.60
CA ILE B 165 -11.92 1.14 17.90
C ILE B 165 -13.42 0.95 17.70
N ARG B 166 -14.22 1.81 18.33
CA ARG B 166 -15.68 1.69 18.31
C ARG B 166 -16.27 1.75 16.90
N HIS B 167 -15.71 2.60 16.05
CA HIS B 167 -16.19 2.72 14.67
C HIS B 167 -16.08 1.38 13.94
N SER B 168 -14.91 0.75 14.03
CA SER B 168 -14.65 -0.53 13.40
C SER B 168 -15.54 -1.65 13.95
N LEU B 169 -15.75 -1.67 15.26
CA LEU B 169 -16.63 -2.66 15.89
C LEU B 169 -18.06 -2.56 15.38
N GLU B 170 -18.43 -1.38 14.91
CA GLU B 170 -19.77 -1.14 14.38
C GLU B 170 -19.89 -1.56 12.91
N VAL B 171 -18.88 -1.20 12.12
CA VAL B 171 -18.90 -1.39 10.66
C VAL B 171 -18.19 -2.66 10.16
N THR B 172 -17.62 -3.44 11.08
CA THR B 172 -16.95 -4.69 10.73
C THR B 172 -17.49 -5.87 11.56
N THR B 173 -17.11 -7.08 11.17
CA THR B 173 -17.57 -8.30 11.83
C THR B 173 -16.95 -8.55 13.22
N TRP B 174 -15.99 -7.71 13.60
CA TRP B 174 -15.27 -7.85 14.87
C TRP B 174 -16.15 -7.76 16.12
N GLY B 175 -17.33 -7.16 15.97
CA GLY B 175 -18.31 -7.06 17.06
C GLY B 175 -18.80 -8.42 17.55
N GLU B 176 -18.95 -9.36 16.62
CA GLU B 176 -19.42 -10.71 16.93
C GLU B 176 -18.25 -11.67 17.18
N ARG B 177 -17.03 -11.17 17.04
CA ARG B 177 -15.82 -11.97 17.21
C ARG B 177 -15.55 -12.19 18.69
N LYS B 178 -15.40 -13.46 19.07
CA LYS B 178 -15.21 -13.85 20.47
C LYS B 178 -14.01 -14.75 20.63
N ALA B 179 -13.58 -14.96 21.88
CA ALA B 179 -12.39 -15.79 22.17
C ALA B 179 -12.55 -17.21 21.64
N GLY B 180 -11.48 -17.76 21.07
CA GLY B 180 -11.52 -19.08 20.44
C GLY B 180 -11.76 -19.02 18.93
N ASP B 181 -12.18 -17.86 18.44
CA ASP B 181 -12.38 -17.66 17.00
C ASP B 181 -11.05 -17.60 16.26
N LYS B 182 -11.03 -18.21 15.08
CA LYS B 182 -9.87 -18.16 14.19
C LYS B 182 -10.12 -17.14 13.09
N VAL B 183 -9.19 -16.20 12.94
CA VAL B 183 -9.29 -15.18 11.88
C VAL B 183 -8.18 -15.35 10.85
N ASN B 184 -8.41 -14.81 9.65
CA ASN B 184 -7.38 -14.77 8.62
C ASN B 184 -6.31 -13.75 8.97
N ILE B 185 -5.04 -14.10 8.75
CA ILE B 185 -3.93 -13.20 9.05
C ILE B 185 -3.05 -12.95 7.82
N GLU B 186 -2.86 -11.67 7.51
CA GLU B 186 -1.89 -11.26 6.50
C GLU B 186 -0.88 -10.30 7.13
N ILE B 187 0.35 -10.78 7.27
CA ILE B 187 1.44 -9.93 7.74
C ILE B 187 1.71 -8.81 6.74
N ASP B 188 2.25 -7.69 7.26
CA ASP B 188 2.63 -6.56 6.43
C ASP B 188 3.72 -6.95 5.44
N GLN B 189 3.45 -6.76 4.16
CA GLN B 189 4.41 -7.05 3.08
C GLN B 189 5.73 -6.27 3.25
N LEU B 190 5.64 -5.10 3.88
CA LEU B 190 6.83 -4.27 4.17
C LEU B 190 7.84 -5.01 5.06
N ALA B 191 7.37 -6.02 5.78
CA ALA B 191 8.22 -6.83 6.65
C ALA B 191 9.08 -7.79 5.85
N ARG B 192 8.55 -8.29 4.74
CA ARG B 192 9.28 -9.21 3.88
C ARG B 192 10.45 -8.55 3.16
N TYR B 193 10.41 -7.22 3.06
CA TYR B 193 11.52 -6.46 2.51
C TYR B 193 12.62 -6.25 3.55
N ALA B 194 12.24 -6.29 4.82
CA ALA B 194 13.19 -6.25 5.91
C ALA B 194 13.92 -7.61 6.04
N ALA B 195 13.17 -8.68 5.85
CA ALA B 195 13.73 -10.04 5.88
C ALA B 195 14.68 -10.28 4.71
N ARG B 196 14.23 -9.93 3.52
CA ARG B 196 15.00 -10.07 2.29
C ARG B 196 16.37 -9.37 2.37
N LEU B 197 16.38 -8.12 2.82
CA LEU B 197 17.61 -7.35 2.96
C LEU B 197 18.59 -8.01 3.94
N ALA B 198 18.05 -8.48 5.07
CA ALA B 198 18.86 -9.18 6.08
C ALA B 198 19.41 -10.51 5.56
N GLN B 199 18.57 -11.26 4.86
CA GLN B 199 18.96 -12.54 4.27
C GLN B 199 19.96 -12.36 3.12
N TYR B 200 19.85 -11.24 2.40
CA TYR B 200 20.79 -10.93 1.31
C TYR B 200 22.14 -10.52 1.85
N GLN B 201 22.15 -9.84 3.00
CA GLN B 201 23.39 -9.39 3.64
C GLN B 201 24.08 -10.49 4.46
N LYS B 202 23.46 -11.67 4.50
CA LYS B 202 24.05 -12.83 5.16
C LYS B 202 24.61 -13.82 4.14
N LEU B 203 25.19 -13.29 3.07
CA LEU B 203 25.79 -14.10 1.99
C LEU B 203 26.80 -13.31 1.15
N MET C 1 -0.54 7.00 -15.12
CA MET C 1 0.40 5.84 -15.09
C MET C 1 -0.29 4.52 -15.48
N PHE C 2 0.28 3.39 -15.06
CA PHE C 2 -0.13 2.07 -15.58
C PHE C 2 -0.36 1.01 -14.48
N THR C 3 -0.86 -0.17 -14.87
CA THR C 3 -1.19 -1.25 -13.94
C THR C 3 -0.38 -2.52 -14.16
N GLY C 4 0.16 -2.68 -15.37
CA GLY C 4 0.86 -3.90 -15.72
C GLY C 4 -0.06 -4.99 -16.26
N ILE C 5 -1.25 -4.59 -16.71
CA ILE C 5 -2.13 -5.50 -17.43
C ILE C 5 -2.11 -5.13 -18.91
N ILE C 6 -1.50 -6.02 -19.71
CA ILE C 6 -1.25 -5.75 -21.12
C ILE C 6 -2.51 -5.98 -21.96
N THR C 7 -2.94 -4.93 -22.65
CA THR C 7 -4.19 -4.95 -23.40
C THR C 7 -4.00 -5.23 -24.90
N ASP C 8 -2.77 -5.14 -25.37
CA ASP C 8 -2.43 -5.42 -26.77
C ASP C 8 -0.97 -5.79 -26.97
N ILE C 9 -0.72 -6.72 -27.90
CA ILE C 9 0.64 -6.97 -28.40
C ILE C 9 0.83 -6.16 -29.67
N GLY C 10 1.79 -5.24 -29.63
CA GLY C 10 2.12 -4.41 -30.78
C GLY C 10 3.38 -4.89 -31.47
N LYS C 11 3.55 -4.52 -32.73
CA LYS C 11 4.72 -4.89 -33.52
C LYS C 11 5.48 -3.64 -33.98
N VAL C 12 6.77 -3.60 -33.68
CA VAL C 12 7.63 -2.48 -34.11
C VAL C 12 7.76 -2.47 -35.63
N ASP C 13 7.20 -1.43 -36.24
CA ASP C 13 7.11 -1.32 -37.68
C ASP C 13 8.44 -0.93 -38.31
N ARG C 14 9.13 0.05 -37.70
CA ARG C 14 10.43 0.50 -38.16
C ARG C 14 11.20 1.28 -37.08
N VAL C 15 12.53 1.20 -37.13
CA VAL C 15 13.38 1.89 -36.18
C VAL C 15 14.18 2.97 -36.91
N LYS C 16 14.00 4.22 -36.50
CA LYS C 16 14.70 5.34 -37.12
C LYS C 16 15.63 6.03 -36.12
N PRO C 17 16.93 6.12 -36.45
CA PRO C 17 17.88 6.82 -35.59
C PRO C 17 17.64 8.33 -35.60
N LEU C 18 17.63 8.92 -34.41
CA LEU C 18 17.55 10.36 -34.24
C LEU C 18 18.91 10.90 -33.81
N ASN C 19 19.01 12.20 -33.55
CA ASN C 19 20.28 12.82 -33.20
C ASN C 19 20.92 12.33 -31.90
N GLU C 20 20.11 12.12 -30.88
CA GLU C 20 20.57 11.49 -29.62
C GLU C 20 19.52 10.52 -29.08
N GLY C 21 18.79 9.86 -29.99
CA GLY C 21 17.74 8.94 -29.62
C GLY C 21 17.25 8.09 -30.78
N VAL C 22 16.11 7.42 -30.58
CA VAL C 22 15.48 6.66 -31.66
C VAL C 22 14.00 7.00 -31.79
N LEU C 23 13.52 6.99 -33.03
CA LEU C 23 12.10 7.11 -33.33
C LEU C 23 11.57 5.72 -33.66
N LEU C 24 10.50 5.31 -32.98
CA LEU C 24 9.89 4.01 -33.21
C LEU C 24 8.47 4.15 -33.70
N ARG C 25 8.15 3.46 -34.80
CA ARG C 25 6.76 3.33 -35.24
C ARG C 25 6.24 1.98 -34.78
N ILE C 26 5.13 2.00 -34.05
CA ILE C 26 4.53 0.78 -33.50
C ILE C 26 3.17 0.52 -34.13
N GLU C 27 3.00 -0.68 -34.68
CA GLU C 27 1.74 -1.14 -35.23
C GLU C 27 0.88 -1.70 -34.10
N THR C 28 -0.40 -1.35 -34.09
CA THR C 28 -1.27 -1.69 -32.96
C THR C 28 -2.72 -2.03 -33.35
N ALA C 29 -3.34 -2.89 -32.53
CA ALA C 29 -4.74 -3.26 -32.69
C ALA C 29 -5.67 -2.22 -32.07
N TYR C 30 -5.10 -1.26 -31.34
CA TYR C 30 -5.88 -0.17 -30.76
C TYR C 30 -6.56 0.65 -31.84
N ASP C 31 -7.79 1.06 -31.55
CA ASP C 31 -8.56 1.95 -32.40
C ASP C 31 -7.82 3.28 -32.60
N PRO C 32 -7.44 3.61 -33.85
CA PRO C 32 -6.72 4.84 -34.17
C PRO C 32 -7.39 6.11 -33.67
N GLU C 33 -8.73 6.10 -33.61
CA GLU C 33 -9.49 7.27 -33.16
C GLU C 33 -9.43 7.49 -31.65
N THR C 34 -8.92 6.51 -30.91
CA THR C 34 -8.78 6.61 -29.46
C THR C 34 -7.40 7.12 -29.01
N ILE C 35 -6.42 7.08 -29.92
CA ILE C 35 -5.05 7.47 -29.59
C ILE C 35 -4.78 8.94 -29.89
N GLU C 36 -4.72 9.76 -28.83
CA GLU C 36 -4.43 11.18 -28.96
C GLU C 36 -2.93 11.44 -29.06
N LEU C 37 -2.57 12.60 -29.58
CA LEU C 37 -1.17 13.00 -29.71
C LEU C 37 -0.69 13.49 -28.35
N GLY C 38 0.47 13.01 -27.92
CA GLY C 38 1.03 13.39 -26.62
C GLY C 38 0.67 12.44 -25.49
N ALA C 39 -0.10 11.42 -25.82
CA ALA C 39 -0.54 10.41 -24.84
C ALA C 39 0.61 9.51 -24.40
N SER C 40 0.46 8.89 -23.22
CA SER C 40 1.46 7.97 -22.69
C SER C 40 1.07 6.52 -22.95
N ILE C 41 2.00 5.76 -23.53
CA ILE C 41 1.79 4.34 -23.76
C ILE C 41 2.99 3.53 -23.26
N ALA C 42 2.72 2.59 -22.38
CA ALA C 42 3.77 1.72 -21.84
C ALA C 42 4.15 0.67 -22.87
N CYS C 43 5.36 0.80 -23.41
CA CYS C 43 5.89 -0.14 -24.40
C CYS C 43 6.89 -1.07 -23.73
N SER C 44 6.46 -2.30 -23.50
CA SER C 44 7.23 -3.29 -22.71
C SER C 44 7.76 -2.69 -21.40
N GLY C 45 6.90 -1.98 -20.69
CA GLY C 45 7.22 -1.43 -19.39
C GLY C 45 7.86 -0.06 -19.41
N VAL C 46 8.06 0.49 -20.60
CA VAL C 46 8.69 1.80 -20.76
C VAL C 46 7.64 2.82 -21.18
N CYS C 47 7.40 3.81 -20.32
CA CYS C 47 6.45 4.87 -20.61
C CYS C 47 7.01 5.81 -21.66
N LEU C 48 6.36 5.85 -22.83
CA LEU C 48 6.80 6.68 -23.95
C LEU C 48 5.67 7.61 -24.43
N THR C 49 6.06 8.77 -24.95
CA THR C 49 5.10 9.76 -25.43
C THR C 49 4.82 9.59 -26.92
N VAL C 50 3.53 9.56 -27.27
CA VAL C 50 3.10 9.48 -28.67
C VAL C 50 3.40 10.80 -29.37
N VAL C 51 4.31 10.75 -30.34
CA VAL C 51 4.78 11.94 -31.04
C VAL C 51 4.20 12.14 -32.45
N ALA C 52 3.82 11.04 -33.11
CA ALA C 52 3.24 11.13 -34.45
C ALA C 52 2.15 10.09 -34.70
N LEU C 53 1.17 10.49 -35.49
CA LEU C 53 0.03 9.65 -35.88
C LEU C 53 -0.17 9.78 -37.40
N PRO C 54 -1.03 8.92 -38.00
CA PRO C 54 -1.30 9.03 -39.43
C PRO C 54 -2.02 10.32 -39.81
N GLU C 55 -1.96 10.71 -41.09
CA GLU C 55 -2.60 11.92 -41.60
C GLU C 55 -4.12 11.88 -41.39
N LYS C 56 -4.78 13.01 -41.64
CA LYS C 56 -6.23 13.07 -41.63
C LYS C 56 -6.80 12.11 -42.70
N GLY C 57 -7.80 11.33 -42.30
CA GLY C 57 -8.48 10.40 -43.21
C GLY C 57 -7.67 9.18 -43.64
N SER C 58 -6.54 8.96 -42.98
CA SER C 58 -5.68 7.82 -43.27
C SER C 58 -6.22 6.51 -42.70
N ASN C 59 -5.91 5.41 -43.40
CA ASN C 59 -6.35 4.09 -42.97
C ASN C 59 -5.35 3.40 -42.04
N ALA C 60 -4.09 3.81 -42.13
CA ALA C 60 -3.02 3.22 -41.33
C ALA C 60 -3.33 3.25 -39.84
N ARG C 61 -2.92 2.20 -39.13
CA ARG C 61 -3.18 2.09 -37.70
C ARG C 61 -1.89 1.91 -36.88
N TRP C 62 -1.07 2.95 -36.88
CA TRP C 62 0.16 2.98 -36.09
C TRP C 62 0.30 4.29 -35.31
N PHE C 63 1.21 4.29 -34.34
CA PHE C 63 1.60 5.51 -33.63
C PHE C 63 3.12 5.53 -33.51
N GLU C 64 3.68 6.73 -33.28
CA GLU C 64 5.12 6.86 -33.13
C GLU C 64 5.52 7.37 -31.75
N VAL C 65 6.62 6.82 -31.22
CA VAL C 65 7.20 7.28 -29.97
C VAL C 65 8.69 7.60 -30.16
N GLU C 66 9.27 8.33 -29.21
CA GLU C 66 10.69 8.66 -29.23
C GLU C 66 11.36 8.23 -27.92
N ALA C 67 12.37 7.38 -28.03
CA ALA C 67 13.14 6.96 -26.85
C ALA C 67 14.47 7.71 -26.78
N TRP C 68 14.86 8.10 -25.58
CA TRP C 68 16.06 8.91 -25.40
C TRP C 68 17.18 8.18 -24.66
N GLU C 69 18.33 8.84 -24.53
CA GLU C 69 19.56 8.23 -23.98
C GLU C 69 19.33 7.45 -22.68
N GLU C 70 18.50 8.00 -21.79
CA GLU C 70 18.15 7.34 -20.54
C GLU C 70 17.48 5.98 -20.74
N ALA C 71 16.57 5.91 -21.72
CA ALA C 71 15.87 4.65 -22.04
C ALA C 71 16.77 3.69 -22.81
N LEU C 72 17.59 4.25 -23.71
CA LEU C 72 18.48 3.42 -24.53
C LEU C 72 19.60 2.79 -23.71
N ARG C 73 19.97 3.44 -22.62
CA ARG C 73 20.95 2.89 -21.69
C ARG C 73 20.33 1.82 -20.78
N LEU C 74 19.19 2.15 -20.18
CA LEU C 74 18.54 1.30 -19.18
C LEU C 74 17.65 0.17 -19.72
N THR C 75 16.88 0.46 -20.79
CA THR C 75 15.88 -0.48 -21.28
C THR C 75 16.35 -1.34 -22.45
N THR C 76 15.51 -2.30 -22.83
CA THR C 76 15.80 -3.23 -23.93
C THR C 76 15.66 -2.59 -25.32
N ILE C 77 15.15 -1.36 -25.37
CA ILE C 77 14.88 -0.63 -26.63
C ILE C 77 16.08 -0.59 -27.59
N SER C 78 17.28 -0.41 -27.05
CA SER C 78 18.51 -0.36 -27.85
C SER C 78 18.70 -1.57 -28.79
N SER C 79 18.08 -2.70 -28.45
CA SER C 79 18.18 -3.91 -29.27
C SER C 79 16.91 -4.17 -30.12
N TRP C 80 15.84 -3.42 -29.85
CA TRP C 80 14.59 -3.56 -30.60
C TRP C 80 14.81 -3.33 -32.09
N GLN C 81 14.41 -4.30 -32.90
CA GLN C 81 14.50 -4.19 -34.35
C GLN C 81 13.11 -4.17 -34.96
N SER C 82 13.03 -3.84 -36.25
CA SER C 82 11.80 -3.94 -37.00
C SER C 82 11.21 -5.34 -36.87
N GLY C 83 9.90 -5.42 -36.68
CA GLY C 83 9.20 -6.69 -36.56
C GLY C 83 9.18 -7.27 -35.16
N ARG C 84 9.79 -6.59 -34.20
CA ARG C 84 9.75 -7.03 -32.81
C ARG C 84 8.38 -6.79 -32.20
N LYS C 85 7.86 -7.81 -31.53
CA LYS C 85 6.58 -7.72 -30.84
C LYS C 85 6.78 -7.25 -29.39
N ILE C 86 6.05 -6.20 -29.02
CA ILE C 86 6.16 -5.60 -27.68
C ILE C 86 4.80 -5.48 -26.98
N ASN C 87 4.84 -5.54 -25.65
CA ASN C 87 3.65 -5.37 -24.81
C ASN C 87 3.19 -3.91 -24.76
N LEU C 88 1.87 -3.71 -24.83
CA LEU C 88 1.28 -2.36 -24.82
C LEU C 88 0.22 -2.18 -23.73
N GLU C 89 0.19 -0.99 -23.15
CA GLU C 89 -0.86 -0.62 -22.19
C GLU C 89 -1.15 0.89 -22.25
N ARG C 90 -2.43 1.23 -22.17
CA ARG C 90 -2.86 2.63 -22.16
C ARG C 90 -2.74 3.21 -20.74
N SER C 91 -2.66 4.53 -20.65
CA SER C 91 -2.57 5.22 -19.36
C SER C 91 -3.88 5.17 -18.57
N LEU C 92 -3.75 5.12 -17.25
CA LEU C 92 -4.90 5.13 -16.35
C LEU C 92 -5.37 6.55 -16.07
N LYS C 93 -6.66 6.80 -16.26
CA LYS C 93 -7.27 8.06 -15.86
C LYS C 93 -7.66 7.94 -14.39
N LEU C 94 -7.79 9.09 -13.73
CA LEU C 94 -8.23 9.12 -12.34
C LEU C 94 -9.56 8.38 -12.17
N GLY C 95 -9.59 7.43 -11.25
CA GLY C 95 -10.80 6.65 -10.96
C GLY C 95 -10.88 5.29 -11.65
N ASP C 96 -9.84 4.94 -12.40
CA ASP C 96 -9.78 3.67 -13.12
C ASP C 96 -9.51 2.49 -12.18
N GLU C 97 -10.13 1.35 -12.48
CA GLU C 97 -9.89 0.11 -11.73
C GLU C 97 -8.45 -0.33 -11.98
N MET C 98 -7.89 -1.09 -11.03
CA MET C 98 -6.50 -1.55 -11.14
C MET C 98 -6.34 -3.01 -10.72
N GLY C 99 -6.16 -3.88 -11.72
CA GLY C 99 -6.12 -5.33 -11.50
C GLY C 99 -4.73 -5.91 -11.27
N GLY C 100 -3.71 -5.08 -11.37
CA GLY C 100 -2.33 -5.48 -11.09
C GLY C 100 -1.78 -4.69 -9.92
N HIS C 101 -0.70 -3.96 -10.18
CA HIS C 101 -0.13 -3.05 -9.19
C HIS C 101 0.26 -1.74 -9.88
N LEU C 102 0.65 -0.74 -9.10
CA LEU C 102 1.06 0.55 -9.66
C LEU C 102 2.34 0.44 -10.49
N VAL C 103 2.22 0.76 -11.78
CA VAL C 103 3.36 0.78 -12.69
C VAL C 103 3.52 2.20 -13.24
N PHE C 104 4.70 2.78 -13.05
CA PHE C 104 5.00 4.13 -13.53
C PHE C 104 5.51 4.13 -14.97
N GLY C 105 5.98 2.97 -15.44
CA GLY C 105 6.59 2.86 -16.76
C GLY C 105 8.03 3.35 -16.81
N HIS C 106 8.64 3.52 -15.64
CA HIS C 106 10.05 3.93 -15.54
C HIS C 106 10.90 2.75 -15.09
N VAL C 107 11.56 2.09 -16.04
CA VAL C 107 12.33 0.87 -15.74
C VAL C 107 13.63 1.16 -14.98
N ASP C 108 14.04 0.22 -14.15
CA ASP C 108 15.23 0.36 -13.33
C ASP C 108 16.45 -0.27 -13.97
N GLY C 109 16.21 -1.35 -14.72
CA GLY C 109 17.29 -2.05 -15.42
C GLY C 109 16.76 -3.20 -16.26
N GLN C 110 17.64 -4.16 -16.56
CA GLN C 110 17.27 -5.33 -17.34
C GLN C 110 17.49 -6.61 -16.57
N ALA C 111 16.50 -7.51 -16.65
CA ALA C 111 16.60 -8.83 -16.04
C ALA C 111 16.86 -9.89 -17.10
N GLU C 112 17.65 -10.90 -16.76
CA GLU C 112 18.01 -11.95 -17.70
C GLU C 112 17.29 -13.24 -17.34
N ILE C 113 16.50 -13.76 -18.28
CA ILE C 113 15.82 -15.04 -18.09
C ILE C 113 16.84 -16.17 -18.17
N VAL C 114 16.81 -17.07 -17.18
CA VAL C 114 17.77 -18.17 -17.13
C VAL C 114 17.11 -19.55 -17.22
N GLU C 115 15.80 -19.62 -17.06
CA GLU C 115 15.06 -20.88 -17.12
C GLU C 115 13.59 -20.71 -17.49
N ARG C 116 13.02 -21.73 -18.13
CA ARG C 116 11.64 -21.72 -18.58
C ARG C 116 11.03 -23.11 -18.39
N LYS C 117 10.54 -23.38 -17.18
CA LYS C 117 9.99 -24.70 -16.85
C LYS C 117 8.46 -24.73 -16.91
N ASP C 118 7.93 -25.74 -17.59
CA ASP C 118 6.47 -25.92 -17.72
C ASP C 118 5.85 -26.46 -16.44
N GLU C 119 4.65 -25.98 -16.13
CA GLU C 119 3.88 -26.40 -14.97
C GLU C 119 2.44 -26.67 -15.39
N GLY C 120 2.28 -27.46 -16.46
CA GLY C 120 0.98 -27.66 -17.10
C GLY C 120 0.65 -26.47 -17.96
N ASP C 121 -0.52 -25.86 -17.72
CA ASP C 121 -0.93 -24.65 -18.44
C ASP C 121 -0.24 -23.38 -17.93
N ALA C 122 0.51 -23.52 -16.85
CA ALA C 122 1.34 -22.42 -16.34
C ALA C 122 2.81 -22.65 -16.67
N VAL C 123 3.58 -21.57 -16.80
CA VAL C 123 5.01 -21.66 -17.09
C VAL C 123 5.81 -20.81 -16.11
N ARG C 124 6.78 -21.46 -15.45
CA ARG C 124 7.63 -20.79 -14.45
C ARG C 124 8.88 -20.21 -15.08
N PHE C 125 9.13 -18.93 -14.81
CA PHE C 125 10.29 -18.23 -15.32
C PHE C 125 11.25 -17.84 -14.20
N THR C 126 12.47 -18.35 -14.28
CA THR C 126 13.55 -17.94 -13.38
C THR C 126 14.34 -16.84 -14.06
N LEU C 127 14.59 -15.75 -13.33
CA LEU C 127 15.31 -14.60 -13.88
C LEU C 127 16.44 -14.15 -12.99
N ARG C 128 17.49 -13.60 -13.60
CA ARG C 128 18.62 -13.01 -12.90
C ARG C 128 18.48 -11.49 -12.90
N ALA C 129 18.55 -10.90 -11.69
CA ALA C 129 18.34 -9.46 -11.50
C ALA C 129 19.65 -8.74 -11.17
N PRO C 130 19.78 -7.45 -11.58
CA PRO C 130 20.95 -6.65 -11.24
C PRO C 130 21.24 -6.59 -9.74
N GLU C 131 22.50 -6.36 -9.39
CA GLU C 131 22.94 -6.31 -8.00
C GLU C 131 22.21 -5.27 -7.16
N GLU C 132 21.84 -4.15 -7.79
CA GLU C 132 21.18 -3.04 -7.09
C GLU C 132 19.74 -3.38 -6.78
N LEU C 133 19.15 -4.25 -7.59
CA LEU C 133 17.73 -4.59 -7.48
C LEU C 133 17.47 -5.84 -6.66
N ALA C 134 18.43 -6.76 -6.67
CA ALA C 134 18.32 -8.08 -6.00
C ALA C 134 17.98 -8.04 -4.50
N PRO C 135 18.59 -7.10 -3.73
CA PRO C 135 18.28 -7.08 -2.30
C PRO C 135 16.87 -6.55 -1.99
N PHE C 136 16.21 -6.00 -3.01
CA PHE C 136 14.87 -5.43 -2.84
C PHE C 136 13.85 -6.14 -3.73
N ILE C 137 14.10 -7.42 -3.99
CA ILE C 137 13.14 -8.29 -4.65
C ILE C 137 12.75 -9.36 -3.64
N ALA C 138 11.59 -9.16 -3.03
CA ALA C 138 11.11 -10.01 -1.95
C ALA C 138 10.08 -11.01 -2.45
N GLN C 139 10.00 -12.15 -1.76
CA GLN C 139 8.99 -13.16 -2.07
C GLN C 139 7.60 -12.59 -1.82
N LYS C 140 6.65 -12.94 -2.68
CA LYS C 140 5.25 -12.46 -2.64
C LYS C 140 5.07 -10.97 -2.95
N GLY C 141 6.17 -10.30 -3.30
CA GLY C 141 6.14 -8.91 -3.73
C GLY C 141 5.73 -8.76 -5.18
N SER C 142 5.50 -7.52 -5.61
CA SER C 142 5.10 -7.23 -6.98
C SER C 142 6.27 -6.72 -7.82
N VAL C 143 6.19 -6.95 -9.13
CA VAL C 143 7.22 -6.52 -10.07
C VAL C 143 6.64 -6.38 -11.49
N ALA C 144 7.25 -5.51 -12.28
CA ALA C 144 6.86 -5.33 -13.67
C ALA C 144 7.98 -5.78 -14.61
N LEU C 145 7.72 -6.87 -15.34
CA LEU C 145 8.68 -7.41 -16.29
C LEU C 145 8.06 -7.35 -17.70
N ASP C 146 8.74 -6.63 -18.59
CA ASP C 146 8.18 -6.27 -19.90
C ASP C 146 6.78 -5.65 -19.77
N GLY C 147 6.60 -4.81 -18.76
CA GLY C 147 5.36 -4.07 -18.54
C GLY C 147 4.19 -4.88 -18.03
N THR C 148 4.46 -6.11 -17.58
CA THR C 148 3.42 -7.00 -17.06
C THR C 148 3.52 -7.15 -15.54
N SER C 149 2.39 -6.99 -14.86
CA SER C 149 2.30 -7.14 -13.42
C SER C 149 2.42 -8.61 -13.04
N LEU C 150 3.43 -8.94 -12.24
CA LEU C 150 3.66 -10.31 -11.79
C LEU C 150 4.08 -10.37 -10.32
N THR C 151 3.80 -11.50 -9.68
CA THR C 151 4.16 -11.72 -8.28
C THR C 151 5.38 -12.61 -8.16
N VAL C 152 6.36 -12.19 -7.36
CA VAL C 152 7.59 -12.95 -7.15
C VAL C 152 7.30 -14.16 -6.25
N ASN C 153 7.36 -15.35 -6.82
CA ASN C 153 6.99 -16.59 -6.11
C ASN C 153 8.12 -17.25 -5.30
N GLY C 154 9.36 -16.97 -5.67
CA GLY C 154 10.53 -17.51 -4.96
C GLY C 154 11.79 -16.73 -5.29
N VAL C 155 12.60 -16.43 -4.28
CA VAL C 155 13.81 -15.64 -4.50
C VAL C 155 15.05 -16.24 -3.81
N ASN C 156 16.08 -16.48 -4.61
CA ASN C 156 17.34 -17.07 -4.16
C ASN C 156 18.52 -16.31 -4.78
N ALA C 157 19.39 -15.73 -3.94
CA ALA C 157 20.51 -14.91 -4.41
C ALA C 157 20.04 -13.79 -5.35
N ASN C 158 20.63 -13.70 -6.53
CA ASN C 158 20.22 -12.69 -7.52
C ASN C 158 19.18 -13.24 -8.50
N GLU C 159 18.68 -14.45 -8.23
CA GLU C 159 17.72 -15.12 -9.10
C GLU C 159 16.36 -15.28 -8.45
N PHE C 160 15.31 -14.91 -9.17
CA PHE C 160 13.93 -14.99 -8.66
C PHE C 160 12.99 -15.66 -9.66
N ASP C 161 11.91 -16.24 -9.14
CA ASP C 161 10.94 -16.98 -9.94
C ASP C 161 9.60 -16.26 -10.05
N VAL C 162 9.04 -16.22 -11.26
CA VAL C 162 7.66 -15.77 -11.47
C VAL C 162 6.88 -16.82 -12.27
N LEU C 163 5.57 -16.86 -12.05
CA LEU C 163 4.70 -17.83 -12.71
C LEU C 163 3.76 -17.13 -13.70
N LEU C 164 3.65 -17.69 -14.90
CA LEU C 164 2.77 -17.14 -15.93
C LEU C 164 1.66 -18.11 -16.35
N ILE C 165 0.42 -17.65 -16.19
CA ILE C 165 -0.77 -18.45 -16.47
C ILE C 165 -1.05 -18.48 -17.97
N ARG C 166 -1.70 -19.55 -18.42
CA ARG C 166 -2.04 -19.76 -19.83
C ARG C 166 -2.54 -18.50 -20.55
N HIS C 167 -3.39 -17.72 -19.88
CA HIS C 167 -3.94 -16.50 -20.49
C HIS C 167 -2.87 -15.43 -20.70
N SER C 168 -2.02 -15.22 -19.69
CA SER C 168 -0.92 -14.27 -19.76
C SER C 168 0.06 -14.57 -20.90
N LEU C 169 0.31 -15.85 -21.15
CA LEU C 169 1.18 -16.28 -22.24
C LEU C 169 0.55 -16.07 -23.62
N GLU C 170 -0.78 -16.14 -23.66
CA GLU C 170 -1.52 -15.97 -24.90
C GLU C 170 -1.66 -14.50 -25.29
N VAL C 171 -1.76 -13.61 -24.31
CA VAL C 171 -2.00 -12.18 -24.57
C VAL C 171 -0.79 -11.25 -24.36
N THR C 172 0.32 -11.79 -23.87
CA THR C 172 1.57 -11.01 -23.73
C THR C 172 2.74 -11.72 -24.42
N THR C 173 3.82 -10.99 -24.64
CA THR C 173 5.01 -11.52 -25.32
C THR C 173 5.79 -12.60 -24.54
N TRP C 174 5.25 -12.99 -23.38
CA TRP C 174 5.84 -14.05 -22.56
C TRP C 174 5.68 -15.45 -23.18
N GLY C 175 4.69 -15.58 -24.06
CA GLY C 175 4.47 -16.82 -24.81
C GLY C 175 5.58 -17.12 -25.80
N GLU C 176 6.30 -16.07 -26.22
CA GLU C 176 7.41 -16.20 -27.15
C GLU C 176 8.77 -16.07 -26.44
N ARG C 177 8.72 -15.74 -25.14
CA ARG C 177 9.93 -15.46 -24.36
C ARG C 177 10.64 -16.75 -23.94
N LYS C 178 11.97 -16.71 -23.95
CA LYS C 178 12.80 -17.89 -23.70
C LYS C 178 14.12 -17.56 -23.00
N ALA C 179 14.84 -18.60 -22.58
CA ALA C 179 16.12 -18.47 -21.88
C ALA C 179 17.09 -17.57 -22.63
N GLY C 180 17.79 -16.72 -21.88
CA GLY C 180 18.77 -15.80 -22.46
C GLY C 180 18.26 -14.38 -22.70
N ASP C 181 16.95 -14.25 -22.90
CA ASP C 181 16.32 -12.96 -23.19
C ASP C 181 16.45 -11.96 -22.06
N LYS C 182 16.71 -10.70 -22.43
CA LYS C 182 16.71 -9.58 -21.49
C LYS C 182 15.34 -8.93 -21.47
N VAL C 183 14.81 -8.69 -20.28
CA VAL C 183 13.50 -8.05 -20.11
C VAL C 183 13.58 -6.81 -19.24
N ASN C 184 12.65 -5.89 -19.43
CA ASN C 184 12.59 -4.66 -18.66
C ASN C 184 11.99 -4.88 -17.26
N ILE C 185 12.72 -4.44 -16.24
CA ILE C 185 12.26 -4.59 -14.86
C ILE C 185 12.03 -3.23 -14.15
N GLU C 186 10.86 -3.10 -13.54
CA GLU C 186 10.55 -1.99 -12.64
C GLU C 186 10.04 -2.57 -11.33
N ILE C 187 10.77 -2.29 -10.24
CA ILE C 187 10.37 -2.73 -8.91
C ILE C 187 9.23 -1.85 -8.38
N ASP C 188 8.36 -2.43 -7.54
CA ASP C 188 7.19 -1.72 -7.03
C ASP C 188 7.54 -0.70 -5.93
N GLN C 189 6.55 0.10 -5.54
CA GLN C 189 6.74 1.21 -4.60
C GLN C 189 7.46 0.81 -3.32
N LEU C 190 7.05 -0.30 -2.72
CA LEU C 190 7.64 -0.79 -1.47
C LEU C 190 9.10 -1.20 -1.65
N ALA C 191 9.40 -1.80 -2.80
CA ALA C 191 10.77 -2.18 -3.13
C ALA C 191 11.62 -0.94 -3.33
N ARG C 192 11.03 0.07 -3.96
CA ARG C 192 11.68 1.35 -4.21
C ARG C 192 11.91 2.12 -2.91
N TYR C 193 10.92 2.07 -2.02
CA TYR C 193 11.02 2.69 -0.71
C TYR C 193 12.17 2.11 0.09
N ALA C 194 12.23 0.78 0.17
CA ALA C 194 13.33 0.08 0.85
C ALA C 194 14.68 0.41 0.20
N ALA C 195 14.68 0.52 -1.12
CA ALA C 195 15.89 0.89 -1.87
C ALA C 195 16.30 2.34 -1.59
N ARG C 196 15.32 3.23 -1.50
CA ARG C 196 15.55 4.64 -1.19
C ARG C 196 16.20 4.81 0.19
N LEU C 197 15.80 3.95 1.14
CA LEU C 197 16.28 4.00 2.52
C LEU C 197 17.61 3.26 2.73
N ALA C 198 17.95 2.37 1.80
CA ALA C 198 19.23 1.65 1.87
C ALA C 198 20.36 2.45 1.22
N GLN C 199 20.04 3.15 0.14
CA GLN C 199 20.98 4.04 -0.53
C GLN C 199 21.22 5.30 0.29
N TYR C 200 20.29 5.59 1.20
CA TYR C 200 20.40 6.73 2.10
C TYR C 200 21.47 6.51 3.19
N GLN C 201 21.92 5.27 3.35
CA GLN C 201 23.03 4.95 4.26
C GLN C 201 24.39 5.26 3.62
N LYS C 202 24.78 6.54 3.72
CA LYS C 202 26.04 7.03 3.13
C LYS C 202 26.68 8.11 4.01
N1 RBF D . -6.91 4.93 17.42
C2 RBF D . -7.95 5.58 17.98
O2 RBF D . -7.93 5.79 19.21
N3 RBF D . -9.01 6.01 17.26
C4 RBF D . -9.11 5.83 15.94
O4 RBF D . -10.10 6.25 15.30
C4A RBF D . -7.99 5.12 15.25
N5 RBF D . -8.00 4.90 13.91
C5A RBF D . -6.98 4.25 13.31
C6 RBF D . -7.04 4.03 11.93
C7 RBF D . -6.01 3.36 11.28
C7M RBF D . -6.09 3.14 9.78
C8 RBF D . -4.83 2.88 12.06
C8M RBF D . -3.69 2.16 11.38
C9 RBF D . -4.77 3.09 13.44
C9A RBF D . -5.81 3.76 14.10
N10 RBF D . -5.78 3.99 15.50
C10 RBF D . -6.86 4.67 16.09
C1' RBF D . -4.64 3.54 16.33
C2' RBF D . -3.80 4.75 16.75
O2' RBF D . -3.26 5.40 15.59
C3' RBF D . -2.68 4.32 17.71
O3' RBF D . -3.27 3.67 18.84
C4' RBF D . -1.83 5.50 18.19
O4' RBF D . -1.15 6.10 17.08
C5' RBF D . -0.79 5.04 19.21
O5' RBF D . 0.22 4.25 18.56
#